data_5U12
#
_entry.id   5U12
#
_cell.length_a   95.887
_cell.length_b   84.546
_cell.length_c   84.145
_cell.angle_alpha   90.00
_cell.angle_beta   109.87
_cell.angle_gamma   90.00
#
_symmetry.space_group_name_H-M   'C 1 2 1'
#
loop_
_entity.id
_entity.type
_entity.pdbx_description
1 polymer 'Dihydropteroate synthase'
2 non-polymer 2-azanyl-8-[(2-fluorophenyl)methylsulfanyl]-1,9-dihydropurin-6-one
3 water water
#
_entity_poly.entity_id   1
_entity_poly.type   'polypeptide(L)'
_entity_poly.pdbx_seq_one_letter_code
;GSMKLFAQGTSLDLSHPHVMGILNVTPDSFSDGGTHNSLIDAVKHANLMINAGATIIDVGGESTRPGAAEVSVEEELQRV
IPVVEAIAQRFEVWISVDTSKPEVIRESAKVGAHIINDIRSLSEPGALEAAAETGLPVCLMHMQGNPKTMQEAPKYDDVF
AEVNRYFIEQIARCEQAGIAKEKLLLDPGFGFGKNLSHNYSLLARLAEFHHFNLPLLVGMSRKSMIGQLLNVGPSERLSG
SLACAVIAAMQGAHIIRVHDVKETVEAMRVVEATLSAKENKRYE
;
_entity_poly.pdbx_strand_id   A,B
#
loop_
_chem_comp.id
_chem_comp.type
_chem_comp.name
_chem_comp.formula
5RU non-polymer 2-azanyl-8-[(2-fluorophenyl)methylsulfanyl]-1,9-dihydropurin-6-one 'C12 H10 F N5 O S'
#
# COMPACT_ATOMS: atom_id res chain seq x y z
N SER A 2 -0.95 3.24 -22.47
CA SER A 2 -1.50 3.33 -23.87
C SER A 2 -3.01 3.03 -24.01
N MET A 3 -3.58 2.18 -23.15
CA MET A 3 -5.02 1.90 -23.21
C MET A 3 -5.87 3.14 -22.92
N LYS A 4 -6.95 3.27 -23.69
CA LYS A 4 -7.89 4.37 -23.55
C LYS A 4 -9.31 3.89 -23.82
N LEU A 5 -10.26 4.51 -23.13
CA LEU A 5 -11.67 4.34 -23.42
C LEU A 5 -12.25 5.65 -23.93
N PHE A 6 -13.31 5.54 -24.74
CA PHE A 6 -13.97 6.67 -25.36
C PHE A 6 -15.45 6.64 -25.05
N ALA A 7 -16.00 7.78 -24.62
CA ALA A 7 -17.42 7.89 -24.37
C ALA A 7 -17.83 9.34 -24.29
N GLN A 8 -19.01 9.64 -24.84
CA GLN A 8 -19.68 10.93 -24.69
C GLN A 8 -18.77 12.09 -25.13
N GLY A 9 -17.98 11.85 -26.17
CA GLY A 9 -17.10 12.90 -26.71
C GLY A 9 -15.79 13.12 -25.98
N THR A 10 -15.50 12.31 -24.95
CA THR A 10 -14.24 12.44 -24.20
C THR A 10 -13.54 11.08 -24.09
N SER A 11 -12.37 11.06 -23.46
CA SER A 11 -11.60 9.85 -23.34
C SER A 11 -11.01 9.71 -21.96
N LEU A 12 -10.75 8.47 -21.59
CA LEU A 12 -10.20 8.13 -20.30
C LEU A 12 -8.85 7.49 -20.58
N ASP A 13 -7.80 8.14 -20.11
CA ASP A 13 -6.42 7.69 -20.31
C ASP A 13 -6.03 6.66 -19.25
N LEU A 14 -5.90 5.39 -19.63
CA LEU A 14 -5.63 4.30 -18.66
C LEU A 14 -4.13 3.96 -18.53
N SER A 15 -3.26 4.90 -18.85
CA SER A 15 -1.83 4.74 -18.64
C SER A 15 -1.41 4.90 -17.17
N HIS A 16 -2.33 5.34 -16.32
CA HIS A 16 -2.12 5.45 -14.89
C HIS A 16 -3.43 5.04 -14.20
N PRO A 17 -3.38 4.67 -12.91
CA PRO A 17 -4.60 4.23 -12.26
C PRO A 17 -5.55 5.41 -12.00
N HIS A 18 -6.84 5.12 -12.04
CA HIS A 18 -7.87 6.12 -11.77
C HIS A 18 -8.64 5.69 -10.54
N VAL A 19 -9.04 6.65 -9.73
CA VAL A 19 -9.87 6.38 -8.57
C VAL A 19 -11.31 6.68 -8.93
N MET A 20 -12.18 5.70 -8.70
CA MET A 20 -13.61 5.86 -8.97
C MET A 20 -14.31 5.97 -7.61
N GLY A 21 -15.02 7.07 -7.39
CA GLY A 21 -15.68 7.30 -6.12
C GLY A 21 -17.09 6.72 -6.15
N ILE A 22 -17.53 6.18 -5.01
CA ILE A 22 -18.84 5.53 -4.94
C ILE A 22 -19.89 6.57 -4.55
N LEU A 23 -20.94 6.71 -5.35
CA LEU A 23 -22.09 7.54 -5.07
C LEU A 23 -23.34 6.64 -5.05
N ASN A 24 -23.73 6.22 -3.87
CA ASN A 24 -24.98 5.45 -3.72
C ASN A 24 -26.14 6.43 -3.61
N VAL A 25 -27.17 6.19 -4.43
CA VAL A 25 -28.37 7.01 -4.43
C VAL A 25 -29.58 6.13 -4.05
N THR A 26 -29.38 5.21 -3.10
CA THR A 26 -30.41 4.26 -2.65
C THR A 26 -30.89 4.60 -1.24
N ASN A 37 -33.58 17.68 -3.38
CA ASN A 37 -32.69 17.79 -2.22
C ASN A 37 -31.88 16.52 -1.90
N SER A 38 -32.41 15.33 -2.19
CA SER A 38 -31.55 14.16 -2.35
C SER A 38 -30.64 14.34 -3.59
N LEU A 39 -31.16 15.02 -4.62
CA LEU A 39 -30.38 15.37 -5.80
C LEU A 39 -29.25 16.35 -5.46
N ILE A 40 -29.56 17.40 -4.71
CA ILE A 40 -28.55 18.35 -4.24
C ILE A 40 -27.46 17.69 -3.39
N ASP A 41 -27.85 16.78 -2.51
CA ASP A 41 -26.87 16.10 -1.66
C ASP A 41 -25.98 15.16 -2.48
N ALA A 42 -26.56 14.52 -3.48
CA ALA A 42 -25.80 13.62 -4.36
C ALA A 42 -24.76 14.43 -5.18
N VAL A 43 -25.18 15.59 -5.69
CA VAL A 43 -24.27 16.51 -6.41
C VAL A 43 -23.18 17.06 -5.49
N LYS A 44 -23.54 17.43 -4.27
CA LYS A 44 -22.57 17.83 -3.25
C LYS A 44 -21.51 16.73 -2.98
N HIS A 45 -21.95 15.49 -2.83
CA HIS A 45 -21.04 14.40 -2.56
C HIS A 45 -20.13 14.13 -3.78
N ALA A 46 -20.71 14.19 -4.98
CA ALA A 46 -19.91 14.08 -6.21
C ALA A 46 -18.85 15.18 -6.25
N ASN A 47 -19.24 16.40 -5.90
CA ASN A 47 -18.33 17.54 -5.86
C ASN A 47 -17.17 17.28 -4.90
N LEU A 48 -17.47 16.73 -3.73
CA LEU A 48 -16.41 16.43 -2.73
C LEU A 48 -15.42 15.38 -3.25
N MET A 49 -15.94 14.37 -3.92
CA MET A 49 -15.11 13.28 -4.44
C MET A 49 -14.23 13.76 -5.60
N ILE A 50 -14.80 14.59 -6.45
CA ILE A 50 -14.05 15.19 -7.57
C ILE A 50 -12.96 16.12 -7.05
N ASN A 51 -13.26 16.93 -6.05
CA ASN A 51 -12.25 17.78 -5.44
C ASN A 51 -11.17 16.99 -4.71
N ALA A 52 -11.47 15.76 -4.30
CA ALA A 52 -10.48 14.85 -3.70
C ALA A 52 -9.66 14.05 -4.74
N GLY A 53 -10.02 14.18 -6.01
CA GLY A 53 -9.25 13.64 -7.12
C GLY A 53 -9.84 12.44 -7.82
N ALA A 54 -11.09 12.06 -7.51
CA ALA A 54 -11.79 11.05 -8.29
C ALA A 54 -11.99 11.53 -9.70
N THR A 55 -11.73 10.65 -10.66
CA THR A 55 -11.93 10.94 -12.07
C THR A 55 -13.10 10.17 -12.67
N ILE A 56 -13.70 9.28 -11.87
CA ILE A 56 -14.88 8.55 -12.28
C ILE A 56 -15.78 8.51 -11.02
N ILE A 57 -17.08 8.60 -11.23
CA ILE A 57 -18.06 8.46 -10.14
C ILE A 57 -18.98 7.31 -10.51
N ASP A 58 -19.14 6.35 -9.59
CA ASP A 58 -20.02 5.21 -9.79
C ASP A 58 -21.38 5.45 -9.10
N VAL A 59 -22.41 5.61 -9.91
CA VAL A 59 -23.76 5.94 -9.46
C VAL A 59 -24.56 4.64 -9.46
N GLY A 60 -25.10 4.25 -8.33
CA GLY A 60 -25.90 3.04 -8.23
C GLY A 60 -27.27 3.34 -7.65
N GLY A 61 -28.32 2.87 -8.32
CA GLY A 61 -29.70 3.09 -7.93
C GLY A 61 -30.44 1.94 -7.27
N GLU A 62 -29.91 0.74 -7.43
CA GLU A 62 -30.46 -0.43 -6.77
C GLU A 62 -29.22 -0.88 -6.03
N SER A 63 -29.29 -1.01 -4.72
CA SER A 63 -28.06 -1.37 -4.06
C SER A 63 -27.59 -2.72 -4.48
N THR A 64 -26.29 -2.87 -4.42
CA THR A 64 -25.69 -4.13 -4.80
C THR A 64 -25.21 -4.98 -3.59
N ARG A 65 -25.52 -4.53 -2.37
CA ARG A 65 -25.20 -5.29 -1.14
C ARG A 65 -25.93 -6.65 -1.15
N PRO A 66 -25.35 -7.67 -0.46
CA PRO A 66 -25.76 -9.08 -0.62
C PRO A 66 -27.27 -9.34 -0.82
N GLY A 67 -28.08 -8.73 0.02
CA GLY A 67 -29.52 -8.87 -0.08
C GLY A 67 -30.30 -7.56 -0.18
N ALA A 68 -29.71 -6.58 -0.83
CA ALA A 68 -30.31 -5.24 -0.96
C ALA A 68 -31.64 -5.36 -1.67
N ALA A 69 -32.56 -4.45 -1.41
CA ALA A 69 -33.90 -4.59 -1.95
C ALA A 69 -33.88 -4.37 -3.46
N GLU A 70 -34.55 -5.24 -4.20
CA GLU A 70 -34.78 -4.99 -5.62
C GLU A 70 -35.75 -3.83 -5.79
N VAL A 71 -35.61 -3.10 -6.89
CA VAL A 71 -36.52 -1.99 -7.18
C VAL A 71 -37.07 -2.14 -8.59
N SER A 72 -38.19 -1.46 -8.84
CA SER A 72 -38.83 -1.51 -10.13
C SER A 72 -37.99 -0.66 -11.09
N VAL A 73 -38.25 -0.85 -12.38
CA VAL A 73 -37.59 -0.01 -13.42
C VAL A 73 -37.91 1.48 -13.19
N GLU A 74 -39.16 1.79 -12.86
CA GLU A 74 -39.62 3.15 -12.69
C GLU A 74 -38.92 3.83 -11.51
N GLU A 75 -38.82 3.14 -10.38
CA GLU A 75 -38.07 3.64 -9.25
C GLU A 75 -36.57 3.83 -9.59
N GLU A 76 -35.96 2.83 -10.24
CA GLU A 76 -34.53 2.94 -10.56
C GLU A 76 -34.27 4.15 -11.49
N LEU A 77 -35.13 4.34 -12.50
CA LEU A 77 -35.00 5.51 -13.41
C LEU A 77 -35.14 6.81 -12.64
N GLN A 78 -36.11 6.87 -11.73
CA GLN A 78 -36.34 8.06 -10.92
C GLN A 78 -35.17 8.43 -10.02
N ARG A 79 -34.50 7.43 -9.51
CA ARG A 79 -33.34 7.62 -8.64
C ARG A 79 -32.05 7.93 -9.39
N VAL A 80 -31.83 7.23 -10.49
CA VAL A 80 -30.53 7.22 -11.16
C VAL A 80 -30.40 8.32 -12.22
N ILE A 81 -31.43 8.49 -13.05
CA ILE A 81 -31.29 9.38 -14.22
C ILE A 81 -31.09 10.85 -13.83
N PRO A 82 -31.84 11.38 -12.85
CA PRO A 82 -31.56 12.78 -12.49
C PRO A 82 -30.15 13.01 -11.93
N VAL A 83 -29.59 12.00 -11.28
CA VAL A 83 -28.24 12.12 -10.73
C VAL A 83 -27.19 12.10 -11.83
N VAL A 84 -27.28 11.12 -12.73
CA VAL A 84 -26.38 11.07 -13.89
C VAL A 84 -26.46 12.40 -14.69
N GLU A 85 -27.68 12.83 -14.96
CA GLU A 85 -27.91 14.05 -15.73
C GLU A 85 -27.28 15.26 -15.06
N ALA A 86 -27.48 15.40 -13.75
CA ALA A 86 -26.96 16.53 -12.98
C ALA A 86 -25.44 16.57 -12.95
N ILE A 87 -24.83 15.40 -12.80
CA ILE A 87 -23.37 15.32 -12.78
C ILE A 87 -22.81 15.63 -14.17
N ALA A 88 -23.43 15.08 -15.21
CA ALA A 88 -22.95 15.28 -16.59
C ALA A 88 -23.03 16.74 -17.02
N GLN A 89 -24.03 17.45 -16.52
CA GLN A 89 -24.19 18.88 -16.80
C GLN A 89 -23.16 19.74 -16.09
N ARG A 90 -22.71 19.31 -14.91
CA ARG A 90 -21.92 20.15 -14.01
C ARG A 90 -20.43 19.86 -13.96
N PHE A 91 -20.01 18.67 -14.36
CA PHE A 91 -18.62 18.25 -14.15
C PHE A 91 -18.06 17.59 -15.41
N GLU A 92 -16.74 17.49 -15.52
CA GLU A 92 -16.08 16.74 -16.61
C GLU A 92 -15.84 15.27 -16.30
N VAL A 93 -16.06 14.89 -15.05
CA VAL A 93 -15.79 13.55 -14.55
C VAL A 93 -16.53 12.49 -15.35
N TRP A 94 -15.95 11.32 -15.47
CA TRP A 94 -16.67 10.21 -16.07
C TRP A 94 -17.65 9.64 -15.05
N ILE A 95 -18.71 9.05 -15.57
CA ILE A 95 -19.87 8.58 -14.79
C ILE A 95 -20.06 7.13 -15.14
N SER A 96 -19.93 6.27 -14.13
CA SER A 96 -20.21 4.85 -14.24
C SER A 96 -21.61 4.64 -13.66
N VAL A 97 -22.47 3.90 -14.36
CA VAL A 97 -23.81 3.57 -13.86
C VAL A 97 -23.88 2.09 -13.50
N ASP A 98 -24.19 1.83 -12.24
CA ASP A 98 -24.37 0.47 -11.70
C ASP A 98 -25.81 0.08 -11.88
N THR A 99 -26.10 -0.64 -12.96
CA THR A 99 -27.45 -1.08 -13.21
C THR A 99 -27.40 -2.39 -13.99
N SER A 100 -28.47 -3.16 -13.88
CA SER A 100 -28.69 -4.36 -14.66
C SER A 100 -29.88 -4.26 -15.63
N LYS A 101 -30.65 -3.18 -15.56
CA LYS A 101 -31.84 -3.05 -16.41
C LYS A 101 -31.57 -2.37 -17.73
N PRO A 102 -32.12 -2.93 -18.80
CA PRO A 102 -31.93 -2.30 -20.14
C PRO A 102 -32.47 -0.91 -20.26
N GLU A 103 -33.61 -0.62 -19.65
CA GLU A 103 -34.17 0.75 -19.67
C GLU A 103 -33.26 1.79 -19.03
N VAL A 104 -32.60 1.41 -17.93
CA VAL A 104 -31.74 2.33 -17.20
C VAL A 104 -30.43 2.50 -18.00
N ILE A 105 -29.95 1.43 -18.63
CA ILE A 105 -28.77 1.51 -19.50
C ILE A 105 -29.02 2.53 -20.61
N ARG A 106 -30.15 2.36 -21.29
CA ARG A 106 -30.54 3.23 -22.37
C ARG A 106 -30.67 4.68 -21.98
N GLU A 107 -31.46 4.94 -20.94
CA GLU A 107 -31.72 6.29 -20.50
C GLU A 107 -30.50 6.94 -19.86
N SER A 108 -29.66 6.15 -19.19
CA SER A 108 -28.42 6.66 -18.63
C SER A 108 -27.48 7.19 -19.72
N ALA A 109 -27.35 6.44 -20.79
CA ALA A 109 -26.51 6.85 -21.95
C ALA A 109 -27.03 8.15 -22.56
N LYS A 110 -28.36 8.31 -22.62
CA LYS A 110 -28.97 9.50 -23.22
C LYS A 110 -28.68 10.75 -22.43
N VAL A 111 -28.51 10.64 -21.11
CA VAL A 111 -28.20 11.81 -20.30
C VAL A 111 -26.72 11.97 -19.89
N GLY A 112 -25.84 11.12 -20.42
CA GLY A 112 -24.40 11.37 -20.35
C GLY A 112 -23.52 10.38 -19.63
N ALA A 113 -24.03 9.21 -19.27
CA ALA A 113 -23.19 8.21 -18.63
C ALA A 113 -22.08 7.70 -19.55
N HIS A 114 -20.93 7.37 -18.97
CA HIS A 114 -19.77 6.91 -19.74
C HIS A 114 -19.51 5.42 -19.73
N ILE A 115 -19.78 4.75 -18.61
CA ILE A 115 -19.48 3.34 -18.42
C ILE A 115 -20.70 2.62 -17.84
N ILE A 116 -21.05 1.48 -18.44
CA ILE A 116 -22.10 0.61 -17.88
C ILE A 116 -21.42 -0.41 -16.98
N ASN A 117 -21.70 -0.33 -15.70
CA ASN A 117 -21.05 -1.19 -14.73
C ASN A 117 -22.09 -2.11 -14.10
N ASP A 118 -22.30 -3.25 -14.74
CA ASP A 118 -23.35 -4.17 -14.33
C ASP A 118 -22.75 -5.35 -13.59
N ILE A 119 -23.09 -5.46 -12.31
CA ILE A 119 -22.59 -6.59 -11.51
C ILE A 119 -23.04 -7.95 -12.04
N ARG A 120 -24.18 -7.95 -12.75
CA ARG A 120 -24.70 -9.11 -13.44
C ARG A 120 -24.18 -9.34 -14.85
N SER A 121 -23.21 -8.54 -15.32
CA SER A 121 -22.62 -8.68 -16.65
C SER A 121 -23.65 -8.82 -17.79
N LEU A 122 -24.68 -7.99 -17.73
CA LEU A 122 -25.70 -7.88 -18.78
C LEU A 122 -26.48 -9.20 -18.97
N SER A 123 -26.72 -9.91 -17.88
CA SER A 123 -27.47 -11.16 -17.93
C SER A 123 -29.00 -11.00 -17.91
N GLU A 124 -29.52 -9.85 -17.44
CA GLU A 124 -30.97 -9.62 -17.49
C GLU A 124 -31.47 -9.54 -18.95
N PRO A 125 -32.73 -9.96 -19.21
CA PRO A 125 -33.24 -9.91 -20.59
C PRO A 125 -33.15 -8.51 -21.17
N GLY A 126 -32.53 -8.41 -22.35
CA GLY A 126 -32.42 -7.12 -23.05
C GLY A 126 -31.24 -6.26 -22.66
N ALA A 127 -30.55 -6.59 -21.57
CA ALA A 127 -29.45 -5.73 -21.09
C ALA A 127 -28.30 -5.74 -22.07
N LEU A 128 -27.96 -6.91 -22.58
CA LEU A 128 -26.87 -7.06 -23.55
C LEU A 128 -27.08 -6.19 -24.78
N GLU A 129 -28.33 -6.21 -25.29
CA GLU A 129 -28.68 -5.44 -26.49
C GLU A 129 -28.68 -3.96 -26.23
N ALA A 130 -29.23 -3.56 -25.10
CA ALA A 130 -29.24 -2.17 -24.73
C ALA A 130 -27.80 -1.64 -24.61
N ALA A 131 -26.94 -2.36 -23.91
CA ALA A 131 -25.54 -1.94 -23.77
C ALA A 131 -24.87 -1.77 -25.14
N ALA A 132 -25.04 -2.75 -26.03
CA ALA A 132 -24.47 -2.68 -27.39
C ALA A 132 -24.95 -1.46 -28.13
N GLU A 133 -26.24 -1.15 -28.05
CA GLU A 133 -26.82 0.02 -28.73
C GLU A 133 -26.21 1.34 -28.26
N THR A 134 -25.83 1.44 -26.98
CA THR A 134 -25.29 2.69 -26.45
C THR A 134 -23.91 2.98 -27.02
N GLY A 135 -23.16 1.96 -27.40
CA GLY A 135 -21.79 2.13 -27.82
C GLY A 135 -20.83 2.43 -26.68
N LEU A 136 -21.30 2.34 -25.44
CA LEU A 136 -20.50 2.70 -24.27
C LEU A 136 -19.59 1.56 -23.80
N PRO A 137 -18.50 1.91 -23.11
CA PRO A 137 -17.74 0.89 -22.40
C PRO A 137 -18.60 0.12 -21.40
N VAL A 138 -18.29 -1.16 -21.27
CA VAL A 138 -19.00 -2.11 -20.39
C VAL A 138 -18.04 -2.84 -19.46
N CYS A 139 -18.31 -2.80 -18.16
CA CYS A 139 -17.55 -3.58 -17.19
C CYS A 139 -18.20 -4.96 -17.01
N LEU A 140 -17.42 -6.01 -17.24
CA LEU A 140 -17.82 -7.40 -17.00
C LEU A 140 -17.27 -7.86 -15.64
N MET A 141 -18.16 -8.19 -14.71
CA MET A 141 -17.76 -8.58 -13.35
C MET A 141 -18.14 -10.02 -13.08
N HIS A 142 -17.23 -10.76 -12.44
CA HIS A 142 -17.52 -12.12 -12.02
C HIS A 142 -18.33 -12.14 -10.72
N MET A 143 -19.42 -12.87 -10.74
CA MET A 143 -20.22 -13.14 -9.54
C MET A 143 -20.69 -14.59 -9.60
N GLN A 144 -20.60 -15.31 -8.49
CA GLN A 144 -21.17 -16.67 -8.39
C GLN A 144 -22.51 -16.62 -7.65
N PRO A 154 -19.79 -20.27 -0.75
CA PRO A 154 -18.91 -20.17 -1.91
C PRO A 154 -17.99 -21.37 -2.03
N LYS A 155 -17.90 -21.93 -3.21
CA LYS A 155 -17.05 -23.09 -3.47
C LYS A 155 -16.39 -22.98 -4.84
N TYR A 156 -15.06 -23.13 -4.88
CA TYR A 156 -14.32 -23.23 -6.14
C TYR A 156 -13.25 -24.30 -6.00
N ASP A 157 -12.93 -24.96 -7.11
CA ASP A 157 -11.79 -25.88 -7.17
C ASP A 157 -10.51 -25.06 -7.41
N ASP A 158 -10.60 -24.08 -8.31
CA ASP A 158 -9.53 -23.13 -8.61
C ASP A 158 -10.20 -21.79 -8.97
N VAL A 159 -10.20 -20.86 -8.02
CA VAL A 159 -11.02 -19.64 -8.18
C VAL A 159 -10.51 -18.77 -9.30
N PHE A 160 -9.20 -18.68 -9.47
CA PHE A 160 -8.63 -17.92 -10.57
C PHE A 160 -9.05 -18.48 -11.92
N ALA A 161 -8.87 -19.80 -12.09
CA ALA A 161 -9.24 -20.47 -13.32
C ALA A 161 -10.72 -20.30 -13.64
N GLU A 162 -11.58 -20.37 -12.62
CA GLU A 162 -13.04 -20.19 -12.81
C GLU A 162 -13.39 -18.78 -13.27
N VAL A 163 -12.81 -17.79 -12.60
CA VAL A 163 -13.00 -16.40 -12.99
C VAL A 163 -12.45 -16.13 -14.40
N ASN A 164 -11.29 -16.72 -14.70
CA ASN A 164 -10.66 -16.52 -16.01
C ASN A 164 -11.52 -17.12 -17.14
N ARG A 165 -12.09 -18.29 -16.88
CA ARG A 165 -13.01 -18.93 -17.84
C ARG A 165 -14.24 -18.07 -18.07
N TYR A 166 -14.79 -17.51 -16.99
CA TYR A 166 -15.96 -16.64 -17.08
C TYR A 166 -15.68 -15.42 -17.99
N PHE A 167 -14.51 -14.79 -17.83
CA PHE A 167 -14.14 -13.68 -18.69
C PHE A 167 -14.10 -14.08 -20.15
N ILE A 168 -13.49 -15.23 -20.44
CA ILE A 168 -13.43 -15.73 -21.81
C ILE A 168 -14.84 -15.84 -22.38
N GLU A 169 -15.73 -16.44 -21.60
CA GLU A 169 -17.11 -16.62 -22.04
C GLU A 169 -17.85 -15.29 -22.25
N GLN A 170 -17.76 -14.39 -21.28
CA GLN A 170 -18.49 -13.12 -21.38
C GLN A 170 -17.93 -12.22 -22.46
N ILE A 171 -16.62 -12.25 -22.68
CA ILE A 171 -16.00 -11.47 -23.74
C ILE A 171 -16.63 -11.90 -25.08
N ALA A 172 -16.72 -13.22 -25.28
CA ALA A 172 -17.29 -13.79 -26.50
C ALA A 172 -18.78 -13.44 -26.66
N ARG A 173 -19.53 -13.53 -25.57
CA ARG A 173 -20.94 -13.14 -25.56
C ARG A 173 -21.07 -11.66 -25.97
N CYS A 174 -20.23 -10.78 -25.41
CA CYS A 174 -20.25 -9.37 -25.83
C CYS A 174 -19.88 -9.17 -27.31
N GLU A 175 -18.79 -9.78 -27.77
CA GLU A 175 -18.34 -9.62 -29.16
C GLU A 175 -19.39 -10.07 -30.17
N GLN A 176 -20.04 -11.18 -29.86
CA GLN A 176 -21.14 -11.75 -30.64
C GLN A 176 -22.35 -10.80 -30.73
N ALA A 177 -22.59 -10.01 -29.67
CA ALA A 177 -23.64 -8.98 -29.68
C ALA A 177 -23.22 -7.68 -30.37
N GLY A 178 -22.01 -7.60 -30.90
CA GLY A 178 -21.52 -6.40 -31.55
C GLY A 178 -20.83 -5.40 -30.65
N ILE A 179 -20.44 -5.80 -29.44
CA ILE A 179 -19.68 -4.93 -28.53
C ILE A 179 -18.22 -5.23 -28.79
N ALA A 180 -17.50 -4.26 -29.36
CA ALA A 180 -16.06 -4.41 -29.60
C ALA A 180 -15.29 -4.74 -28.31
N LYS A 181 -14.31 -5.64 -28.41
CA LYS A 181 -13.47 -5.98 -27.27
C LYS A 181 -12.85 -4.73 -26.62
N GLU A 182 -12.55 -3.72 -27.42
CA GLU A 182 -11.92 -2.48 -26.96
C GLU A 182 -12.82 -1.62 -26.07
N LYS A 183 -14.12 -1.95 -26.01
CA LYS A 183 -15.06 -1.30 -25.08
C LYS A 183 -15.18 -2.01 -23.73
N LEU A 184 -14.47 -3.11 -23.51
CA LEU A 184 -14.71 -3.93 -22.32
C LEU A 184 -13.71 -3.68 -21.20
N LEU A 185 -14.19 -3.83 -19.97
CA LEU A 185 -13.38 -3.81 -18.75
C LEU A 185 -13.69 -5.07 -17.98
N LEU A 186 -12.70 -5.59 -17.26
CA LEU A 186 -12.84 -6.81 -16.50
C LEU A 186 -12.69 -6.54 -15.00
N ASP A 187 -13.59 -7.13 -14.22
CA ASP A 187 -13.58 -7.01 -12.77
C ASP A 187 -13.77 -8.42 -12.15
N PRO A 188 -12.79 -8.90 -11.35
CA PRO A 188 -12.91 -10.23 -10.73
C PRO A 188 -13.99 -10.34 -9.64
N GLY A 189 -14.58 -9.21 -9.25
CA GLY A 189 -15.75 -9.21 -8.39
C GLY A 189 -15.43 -9.58 -6.95
N PHE A 190 -14.54 -8.82 -6.32
CA PHE A 190 -14.21 -9.10 -4.93
C PHE A 190 -15.46 -9.05 -4.06
N GLY A 191 -15.61 -10.09 -3.22
CA GLY A 191 -16.74 -10.21 -2.31
C GLY A 191 -18.04 -10.75 -2.91
N PHE A 192 -18.04 -11.16 -4.18
CA PHE A 192 -19.29 -11.61 -4.85
C PHE A 192 -19.28 -13.12 -5.01
N GLY A 193 -19.85 -13.79 -4.00
CA GLY A 193 -19.80 -15.25 -3.89
C GLY A 193 -18.39 -15.77 -3.71
N LYS A 194 -17.63 -15.10 -2.84
CA LYS A 194 -16.22 -15.46 -2.57
C LYS A 194 -15.94 -15.36 -1.08
N ASN A 195 -15.36 -16.41 -0.52
CA ASN A 195 -14.85 -16.36 0.86
C ASN A 195 -13.52 -15.61 0.94
N LEU A 196 -13.05 -15.47 2.17
CA LEU A 196 -11.79 -14.77 2.45
C LEU A 196 -10.66 -15.32 1.60
N SER A 197 -10.50 -16.65 1.62
CA SER A 197 -9.44 -17.31 0.86
C SER A 197 -9.49 -17.07 -0.68
N HIS A 198 -10.70 -17.12 -1.24
CA HIS A 198 -10.88 -16.90 -2.67
C HIS A 198 -10.53 -15.46 -3.07
N ASN A 199 -10.98 -14.51 -2.27
CA ASN A 199 -10.71 -13.10 -2.50
C ASN A 199 -9.21 -12.83 -2.51
N TYR A 200 -8.47 -13.30 -1.51
CA TYR A 200 -7.01 -13.10 -1.50
C TYR A 200 -6.27 -13.88 -2.58
N SER A 201 -6.77 -15.06 -2.96
CA SER A 201 -6.22 -15.75 -4.14
C SER A 201 -6.32 -14.90 -5.41
N LEU A 202 -7.49 -14.31 -5.64
CA LEU A 202 -7.67 -13.46 -6.81
C LEU A 202 -6.81 -12.20 -6.72
N LEU A 203 -6.73 -11.59 -5.53
CA LEU A 203 -5.87 -10.40 -5.35
C LEU A 203 -4.38 -10.72 -5.63
N ALA A 204 -3.92 -11.83 -5.06
CA ALA A 204 -2.53 -12.27 -5.27
C ALA A 204 -2.18 -12.48 -6.73
N ARG A 205 -3.17 -12.91 -7.53
CA ARG A 205 -2.93 -13.29 -8.92
C ARG A 205 -3.52 -12.30 -9.91
N LEU A 206 -3.91 -11.12 -9.44
CA LEU A 206 -4.58 -10.14 -10.29
C LEU A 206 -3.85 -9.81 -11.59
N ALA A 207 -2.54 -9.63 -11.50
CA ALA A 207 -1.72 -9.33 -12.68
C ALA A 207 -1.84 -10.36 -13.81
N GLU A 208 -2.17 -11.61 -13.48
CA GLU A 208 -2.35 -12.63 -14.51
C GLU A 208 -3.52 -12.34 -15.45
N PHE A 209 -4.52 -11.57 -15.00
CA PHE A 209 -5.63 -11.16 -15.86
C PHE A 209 -5.26 -10.17 -16.97
N HIS A 210 -4.04 -9.63 -16.96
CA HIS A 210 -3.57 -8.76 -18.06
C HIS A 210 -3.38 -9.48 -19.41
N HIS A 211 -3.41 -10.81 -19.42
CA HIS A 211 -3.31 -11.54 -20.69
C HIS A 211 -4.46 -11.22 -21.66
N PHE A 212 -5.61 -10.76 -21.16
CA PHE A 212 -6.72 -10.33 -22.02
C PHE A 212 -6.47 -9.02 -22.75
N ASN A 213 -5.49 -8.23 -22.29
CA ASN A 213 -5.19 -6.89 -22.81
C ASN A 213 -6.38 -5.96 -22.69
N LEU A 214 -7.09 -6.10 -21.57
CA LEU A 214 -8.22 -5.23 -21.26
C LEU A 214 -7.98 -4.52 -19.93
N PRO A 215 -8.62 -3.35 -19.73
CA PRO A 215 -8.63 -2.69 -18.43
C PRO A 215 -9.16 -3.58 -17.31
N LEU A 216 -8.57 -3.49 -16.13
CA LEU A 216 -8.98 -4.18 -14.93
C LEU A 216 -9.52 -3.15 -13.95
N LEU A 217 -10.73 -3.43 -13.45
CA LEU A 217 -11.40 -2.61 -12.44
C LEU A 217 -11.56 -3.48 -11.21
N VAL A 218 -11.27 -2.95 -10.03
CA VAL A 218 -11.42 -3.69 -8.78
C VAL A 218 -12.13 -2.83 -7.77
N GLY A 219 -12.84 -3.50 -6.88
CA GLY A 219 -13.55 -2.86 -5.80
C GLY A 219 -13.47 -3.68 -4.54
N MET A 220 -12.59 -3.28 -3.64
CA MET A 220 -12.41 -3.96 -2.35
C MET A 220 -12.76 -3.09 -1.16
N SER A 221 -13.08 -1.82 -1.41
CA SER A 221 -13.19 -0.81 -0.38
C SER A 221 -14.17 -1.22 0.71
N ARG A 222 -13.67 -1.26 1.96
CA ARG A 222 -14.47 -1.58 3.15
C ARG A 222 -15.18 -2.93 3.13
N LYS A 223 -14.74 -3.86 2.28
CA LYS A 223 -15.44 -5.13 2.14
C LYS A 223 -15.10 -6.14 3.23
N SER A 224 -15.90 -7.21 3.24
CA SER A 224 -15.74 -8.30 4.20
C SER A 224 -14.36 -8.91 4.20
N MET A 225 -13.72 -8.97 3.02
CA MET A 225 -12.34 -9.48 2.94
C MET A 225 -11.34 -8.69 3.80
N ILE A 226 -11.68 -7.44 4.11
CA ILE A 226 -10.90 -6.68 5.08
C ILE A 226 -11.48 -6.85 6.49
N GLY A 227 -12.80 -6.66 6.63
CA GLY A 227 -13.49 -6.77 7.92
C GLY A 227 -13.22 -8.08 8.65
N GLN A 228 -13.30 -9.19 7.94
CA GLN A 228 -13.13 -10.50 8.55
C GLN A 228 -11.67 -10.78 8.90
N LEU A 229 -10.74 -10.27 8.09
CA LEU A 229 -9.33 -10.50 8.32
C LEU A 229 -8.85 -9.76 9.55
N LEU A 230 -9.28 -8.52 9.68
CA LEU A 230 -8.86 -7.65 10.78
C LEU A 230 -9.79 -7.68 12.00
N ASN A 231 -10.99 -8.21 11.84
CA ASN A 231 -12.05 -8.19 12.86
C ASN A 231 -12.44 -6.78 13.27
N VAL A 232 -12.78 -5.96 12.28
CA VAL A 232 -13.22 -4.59 12.54
C VAL A 232 -14.48 -4.30 11.75
N GLY A 233 -15.23 -3.31 12.24
CA GLY A 233 -16.48 -2.89 11.61
C GLY A 233 -16.26 -2.07 10.34
N PRO A 234 -17.35 -1.80 9.60
CA PRO A 234 -17.22 -1.15 8.28
C PRO A 234 -16.62 0.26 8.26
N SER A 235 -16.70 1.00 9.36
CA SER A 235 -16.09 2.33 9.45
C SER A 235 -14.61 2.31 9.93
N GLU A 236 -14.06 1.13 10.22
CA GLU A 236 -12.68 1.00 10.68
C GLU A 236 -11.77 0.26 9.67
N ARG A 237 -12.16 0.25 8.40
CA ARG A 237 -11.47 -0.52 7.37
C ARG A 237 -10.60 0.31 6.41
N LEU A 238 -10.33 1.57 6.74
CA LEU A 238 -9.62 2.45 5.79
C LEU A 238 -8.21 1.93 5.49
N SER A 239 -7.47 1.57 6.52
CA SER A 239 -6.08 1.13 6.30
C SER A 239 -5.99 -0.13 5.47
N GLY A 240 -6.86 -1.10 5.76
CA GLY A 240 -6.91 -2.31 4.97
C GLY A 240 -7.39 -2.06 3.55
N SER A 241 -8.34 -1.14 3.39
CA SER A 241 -8.83 -0.77 2.06
C SER A 241 -7.72 -0.17 1.20
N LEU A 242 -6.94 0.73 1.80
CA LEU A 242 -5.81 1.36 1.15
C LEU A 242 -4.77 0.29 0.77
N ALA A 243 -4.51 -0.67 1.67
CA ALA A 243 -3.57 -1.76 1.35
C ALA A 243 -4.02 -2.57 0.11
N CYS A 244 -5.29 -2.97 0.09
CA CYS A 244 -5.86 -3.64 -1.07
C CYS A 244 -5.71 -2.80 -2.36
N ALA A 245 -6.05 -1.52 -2.30
CA ALA A 245 -5.92 -0.64 -3.45
C ALA A 245 -4.50 -0.60 -3.97
N VAL A 246 -3.54 -0.46 -3.07
CA VAL A 246 -2.15 -0.39 -3.44
C VAL A 246 -1.68 -1.70 -4.07
N ILE A 247 -2.05 -2.82 -3.46
CA ILE A 247 -1.70 -4.15 -3.97
C ILE A 247 -2.22 -4.34 -5.38
N ALA A 248 -3.49 -3.96 -5.61
CA ALA A 248 -4.07 -4.02 -6.95
C ALA A 248 -3.37 -3.07 -7.91
N ALA A 249 -3.14 -1.82 -7.50
CA ALA A 249 -2.56 -0.82 -8.40
C ALA A 249 -1.11 -1.14 -8.78
N MET A 250 -0.34 -1.66 -7.84
CA MET A 250 1.03 -2.12 -8.14
C MET A 250 1.08 -3.23 -9.17
N GLN A 251 -0.01 -4.02 -9.27
CA GLN A 251 -0.15 -5.07 -10.29
C GLN A 251 -0.77 -4.57 -11.60
N GLY A 252 -0.95 -3.25 -11.75
CA GLY A 252 -1.40 -2.66 -12.97
C GLY A 252 -2.90 -2.51 -13.12
N ALA A 253 -3.65 -2.61 -12.03
CA ALA A 253 -5.08 -2.36 -12.08
C ALA A 253 -5.33 -0.91 -12.52
N HIS A 254 -6.33 -0.73 -13.38
CA HIS A 254 -6.57 0.55 -14.05
C HIS A 254 -7.55 1.46 -13.32
N ILE A 255 -8.56 0.86 -12.67
CA ILE A 255 -9.62 1.62 -11.97
C ILE A 255 -9.85 0.99 -10.61
N ILE A 256 -9.82 1.82 -9.56
CA ILE A 256 -10.00 1.37 -8.17
C ILE A 256 -11.25 2.05 -7.65
N ARG A 257 -12.24 1.24 -7.29
CA ARG A 257 -13.53 1.73 -6.84
C ARG A 257 -13.52 1.85 -5.33
N VAL A 258 -13.73 3.05 -4.79
CA VAL A 258 -13.57 3.28 -3.36
C VAL A 258 -14.60 4.23 -2.75
N HIS A 259 -14.75 4.13 -1.42
CA HIS A 259 -15.49 5.11 -0.62
C HIS A 259 -14.66 6.34 -0.26
N ASP A 260 -13.39 6.13 0.03
CA ASP A 260 -12.50 7.12 0.64
C ASP A 260 -11.54 7.63 -0.42
N VAL A 261 -12.00 8.64 -1.15
CA VAL A 261 -11.32 9.06 -2.39
C VAL A 261 -9.99 9.75 -2.08
N LYS A 262 -9.99 10.72 -1.16
CA LYS A 262 -8.78 11.52 -0.88
C LYS A 262 -7.59 10.61 -0.58
N GLU A 263 -7.80 9.69 0.34
CA GLU A 263 -6.76 8.83 0.85
C GLU A 263 -6.27 7.86 -0.23
N THR A 264 -7.20 7.36 -1.04
CA THR A 264 -6.87 6.41 -2.08
C THR A 264 -6.06 7.14 -3.16
N VAL A 265 -6.46 8.35 -3.51
CA VAL A 265 -5.74 9.14 -4.53
C VAL A 265 -4.29 9.39 -4.06
N GLU A 266 -4.12 9.73 -2.78
CA GLU A 266 -2.78 9.92 -2.22
C GLU A 266 -1.95 8.63 -2.36
N ALA A 267 -2.52 7.50 -1.95
CA ALA A 267 -1.83 6.21 -2.12
C ALA A 267 -1.49 5.91 -3.58
N MET A 268 -2.40 6.23 -4.50
CA MET A 268 -2.18 6.01 -5.92
C MET A 268 -1.04 6.89 -6.46
N ARG A 269 -0.87 8.10 -5.94
CA ARG A 269 0.27 8.94 -6.36
C ARG A 269 1.63 8.34 -5.98
N VAL A 270 1.71 7.73 -4.80
CA VAL A 270 2.89 6.97 -4.40
C VAL A 270 3.10 5.76 -5.33
N VAL A 271 2.03 5.01 -5.61
CA VAL A 271 2.09 3.90 -6.55
C VAL A 271 2.62 4.36 -7.91
N GLU A 272 2.10 5.48 -8.42
CA GLU A 272 2.53 6.04 -9.70
C GLU A 272 4.01 6.44 -9.74
N ALA A 273 4.47 7.09 -8.66
CA ALA A 273 5.89 7.46 -8.51
C ALA A 273 6.79 6.23 -8.51
N THR A 274 6.32 5.16 -7.85
CA THR A 274 7.04 3.89 -7.83
C THR A 274 7.06 3.23 -9.21
N LEU A 275 5.90 3.09 -9.83
CA LEU A 275 5.83 2.45 -11.15
C LEU A 275 6.60 3.22 -12.21
N SER A 276 6.63 4.55 -12.11
CA SER A 276 7.41 5.41 -13.02
C SER A 276 8.89 5.19 -12.90
N ALA A 277 9.34 4.80 -11.70
CA ALA A 277 10.75 4.45 -11.47
C ALA A 277 11.12 3.02 -11.88
N LYS A 278 10.13 2.16 -12.07
CA LYS A 278 10.37 0.76 -12.39
C LYS A 278 10.52 0.55 -13.90
N GLU A 279 11.29 -0.47 -14.28
CA GLU A 279 11.46 -0.87 -15.68
C GLU A 279 10.16 -1.47 -16.27
N ASN A 280 9.62 -2.48 -15.58
CA ASN A 280 8.34 -3.15 -15.95
C ASN A 280 7.06 -2.29 -16.00
N LYS A 281 7.00 -1.23 -15.18
CA LYS A 281 5.76 -0.48 -14.93
C LYS A 281 4.62 -1.33 -14.29
N ARG A 282 4.97 -2.44 -13.62
CA ARG A 282 4.05 -3.19 -12.76
C ARG A 282 4.78 -4.29 -11.99
N TYR A 283 4.08 -4.89 -11.04
CA TYR A 283 4.62 -5.96 -10.20
C TYR A 283 3.82 -7.22 -10.41
N GLU A 284 4.52 -8.36 -10.37
CA GLU A 284 3.93 -9.69 -10.57
C GLU A 284 4.58 -10.69 -9.64
N SER B 2 11.83 -18.79 6.71
CA SER B 2 12.78 -19.29 7.78
C SER B 2 13.87 -18.32 8.29
N MET B 3 13.95 -17.09 7.79
CA MET B 3 14.88 -16.09 8.35
C MET B 3 14.54 -15.84 9.81
N LYS B 4 15.56 -15.83 10.66
CA LYS B 4 15.41 -15.54 12.08
C LYS B 4 16.58 -14.74 12.59
N LEU B 5 16.33 -13.93 13.61
CA LEU B 5 17.38 -13.21 14.32
C LEU B 5 17.34 -13.70 15.73
N PHE B 6 18.50 -13.70 16.38
CA PHE B 6 18.64 -14.17 17.77
C PHE B 6 19.36 -13.12 18.60
N ALA B 7 18.77 -12.81 19.75
CA ALA B 7 19.30 -11.79 20.65
C ALA B 7 18.71 -11.93 22.03
N GLN B 8 19.52 -11.71 23.06
CA GLN B 8 19.05 -11.65 24.44
C GLN B 8 18.25 -12.89 24.85
N GLY B 9 18.63 -14.04 24.29
CA GLY B 9 17.95 -15.30 24.57
C GLY B 9 16.59 -15.54 23.94
N THR B 10 16.12 -14.64 23.07
CA THR B 10 14.86 -14.84 22.34
C THR B 10 15.13 -14.72 20.87
N SER B 11 14.11 -14.93 20.04
CA SER B 11 14.31 -14.87 18.61
C SER B 11 13.19 -14.09 17.96
N LEU B 12 13.47 -13.62 16.76
CA LEU B 12 12.51 -12.90 15.97
C LEU B 12 12.35 -13.68 14.68
N ASP B 13 11.11 -14.09 14.40
CA ASP B 13 10.82 -14.93 13.23
C ASP B 13 10.39 -14.01 12.09
N LEU B 14 11.23 -13.93 11.06
CA LEU B 14 10.99 -13.03 9.92
C LEU B 14 10.37 -13.72 8.73
N SER B 15 9.51 -14.71 8.97
CA SER B 15 8.73 -15.35 7.91
C SER B 15 7.52 -14.50 7.48
N HIS B 16 7.22 -13.45 8.26
CA HIS B 16 6.21 -12.44 7.93
C HIS B 16 6.76 -11.04 8.28
N PRO B 17 6.19 -9.97 7.72
CA PRO B 17 6.71 -8.63 8.07
C PRO B 17 6.39 -8.23 9.52
N HIS B 18 7.33 -7.54 10.13
CA HIS B 18 7.17 -7.00 11.46
C HIS B 18 7.08 -5.49 11.37
N VAL B 19 6.30 -4.89 12.26
CA VAL B 19 6.19 -3.45 12.37
C VAL B 19 7.07 -2.99 13.54
N MET B 20 8.00 -2.08 13.25
CA MET B 20 8.87 -1.46 14.24
C MET B 20 8.33 -0.05 14.57
N GLY B 21 7.92 0.17 15.82
CA GLY B 21 7.43 1.46 16.24
C GLY B 21 8.56 2.42 16.58
N ILE B 22 8.42 3.67 16.19
CA ILE B 22 9.44 4.71 16.45
C ILE B 22 9.22 5.34 17.83
N LEU B 23 10.24 5.27 18.67
CA LEU B 23 10.22 5.94 19.98
C LEU B 23 11.34 6.98 20.06
N ASN B 24 10.99 8.20 19.70
CA ASN B 24 11.94 9.32 19.63
C ASN B 24 12.10 9.92 21.04
N VAL B 25 13.29 9.82 21.61
CA VAL B 25 13.62 10.48 22.87
C VAL B 25 14.69 11.59 22.67
N THR B 26 14.68 12.25 21.50
CA THR B 26 15.61 13.35 21.17
C THR B 26 15.05 14.71 21.66
N ASN B 37 7.42 14.52 32.42
CA ASN B 37 8.47 13.53 32.68
C ASN B 37 8.70 12.60 31.46
N SER B 38 9.93 12.64 30.96
CA SER B 38 10.33 11.95 29.72
C SER B 38 10.20 10.44 29.79
N LEU B 39 10.77 9.85 30.84
CA LEU B 39 10.82 8.39 30.95
C LEU B 39 9.42 7.77 31.01
N ILE B 40 8.55 8.34 31.84
CA ILE B 40 7.17 7.84 31.97
C ILE B 40 6.42 7.93 30.64
N ASP B 41 6.52 9.05 29.94
CA ASP B 41 5.81 9.24 28.66
C ASP B 41 6.34 8.29 27.58
N ALA B 42 7.66 8.13 27.54
CA ALA B 42 8.31 7.18 26.62
C ALA B 42 7.76 5.77 26.79
N VAL B 43 7.66 5.33 28.04
CA VAL B 43 7.14 4.00 28.36
C VAL B 43 5.64 3.86 28.03
N LYS B 44 4.84 4.91 28.25
CA LYS B 44 3.41 4.89 27.87
C LYS B 44 3.26 4.73 26.35
N HIS B 45 4.12 5.42 25.61
CA HIS B 45 4.08 5.41 24.15
C HIS B 45 4.46 4.02 23.65
N ALA B 46 5.51 3.43 24.24
CA ALA B 46 5.91 2.07 23.91
C ALA B 46 4.77 1.08 24.11
N ASN B 47 4.07 1.25 25.23
CA ASN B 47 2.94 0.41 25.58
C ASN B 47 1.82 0.50 24.54
N LEU B 48 1.46 1.72 24.13
CA LEU B 48 0.47 1.93 23.06
C LEU B 48 0.89 1.27 21.76
N MET B 49 2.15 1.42 21.38
CA MET B 49 2.66 0.80 20.15
C MET B 49 2.65 -0.72 20.22
N ILE B 50 3.04 -1.28 21.36
CA ILE B 50 2.99 -2.74 21.57
C ILE B 50 1.56 -3.24 21.49
N ASN B 51 0.61 -2.56 22.15
CA ASN B 51 -0.83 -2.92 22.07
C ASN B 51 -1.41 -2.83 20.65
N ALA B 52 -0.85 -1.94 19.83
CA ALA B 52 -1.28 -1.80 18.44
C ALA B 52 -0.64 -2.82 17.50
N GLY B 53 0.34 -3.58 17.99
CA GLY B 53 0.91 -4.72 17.27
C GLY B 53 2.38 -4.60 16.87
N ALA B 54 3.08 -3.56 17.33
CA ALA B 54 4.52 -3.43 17.06
C ALA B 54 5.23 -4.55 17.80
N THR B 55 6.15 -5.23 17.12
CA THR B 55 6.97 -6.26 17.74
C THR B 55 8.42 -5.84 17.98
N ILE B 56 8.78 -4.65 17.49
CA ILE B 56 10.09 -4.02 17.78
C ILE B 56 9.79 -2.55 18.08
N ILE B 57 10.48 -1.98 19.07
CA ILE B 57 10.42 -0.56 19.37
C ILE B 57 11.82 -0.01 19.11
N ASP B 58 11.91 1.04 18.29
CA ASP B 58 13.17 1.67 17.92
C ASP B 58 13.39 2.94 18.76
N VAL B 59 14.36 2.89 19.67
CA VAL B 59 14.63 3.95 20.62
C VAL B 59 15.80 4.77 20.09
N GLY B 60 15.59 6.07 19.93
CA GLY B 60 16.60 6.96 19.35
C GLY B 60 16.73 8.26 20.13
N GLY B 61 17.95 8.56 20.60
CA GLY B 61 18.25 9.80 21.35
C GLY B 61 19.11 10.86 20.67
N GLU B 62 19.50 10.67 19.41
CA GLU B 62 20.20 11.72 18.65
C GLU B 62 19.45 11.94 17.34
N SER B 63 19.12 13.18 17.04
CA SER B 63 18.45 13.50 15.78
C SER B 63 19.29 13.03 14.60
N THR B 64 18.63 12.40 13.63
CA THR B 64 19.24 11.91 12.39
C THR B 64 18.65 12.68 11.19
N ARG B 65 17.93 13.79 11.47
CA ARG B 65 17.28 14.61 10.43
C ARG B 65 18.32 15.51 9.71
N PRO B 66 17.99 15.97 8.48
CA PRO B 66 18.91 16.90 7.79
C PRO B 66 19.19 18.13 8.64
N GLY B 67 20.47 18.52 8.77
CA GLY B 67 20.89 19.63 9.61
C GLY B 67 21.05 19.36 11.10
N ALA B 68 20.74 18.14 11.56
CA ALA B 68 20.76 17.80 12.99
C ALA B 68 22.09 18.14 13.69
N ALA B 69 22.01 18.61 14.93
CA ALA B 69 23.21 18.84 15.74
C ALA B 69 23.60 17.56 16.48
N GLU B 70 24.88 17.42 16.79
CA GLU B 70 25.37 16.27 17.56
C GLU B 70 24.91 16.33 19.03
N VAL B 71 24.81 15.16 19.66
CA VAL B 71 24.45 15.05 21.09
C VAL B 71 25.67 14.44 21.78
N SER B 72 26.01 14.92 22.97
CA SER B 72 27.13 14.36 23.74
C SER B 72 26.83 12.89 24.13
N VAL B 73 27.86 12.07 24.35
CA VAL B 73 27.63 10.70 24.78
C VAL B 73 26.88 10.66 26.13
N GLU B 74 27.22 11.55 27.06
CA GLU B 74 26.55 11.56 28.36
C GLU B 74 25.04 11.88 28.26
N GLU B 75 24.69 12.81 27.37
CA GLU B 75 23.29 13.17 27.13
C GLU B 75 22.55 12.04 26.40
N GLU B 76 23.20 11.42 25.40
CA GLU B 76 22.55 10.31 24.70
C GLU B 76 22.30 9.13 25.64
N LEU B 77 23.29 8.83 26.49
CA LEU B 77 23.15 7.78 27.49
C LEU B 77 21.98 8.04 28.41
N GLN B 78 21.84 9.26 28.88
CA GLN B 78 20.75 9.63 29.78
C GLN B 78 19.39 9.49 29.11
N ARG B 79 19.29 9.90 27.85
CA ARG B 79 18.02 9.77 27.13
C ARG B 79 17.62 8.32 26.81
N VAL B 80 18.60 7.49 26.42
CA VAL B 80 18.33 6.18 25.81
C VAL B 80 18.32 5.01 26.80
N ILE B 81 19.32 4.94 27.66
CA ILE B 81 19.49 3.74 28.50
C ILE B 81 18.32 3.52 29.47
N PRO B 82 17.84 4.57 30.16
CA PRO B 82 16.70 4.33 31.05
C PRO B 82 15.44 3.84 30.32
N VAL B 83 15.28 4.26 29.06
CA VAL B 83 14.12 3.87 28.25
C VAL B 83 14.24 2.41 27.80
N VAL B 84 15.40 2.04 27.29
CA VAL B 84 15.69 0.66 26.91
C VAL B 84 15.52 -0.31 28.10
N GLU B 85 16.06 0.08 29.25
CA GLU B 85 15.96 -0.73 30.47
C GLU B 85 14.49 -0.90 30.89
N ALA B 86 13.75 0.21 30.96
CA ALA B 86 12.34 0.20 31.38
C ALA B 86 11.48 -0.69 30.48
N ILE B 87 11.68 -0.59 29.17
CA ILE B 87 10.95 -1.43 28.21
C ILE B 87 11.36 -2.92 28.33
N ALA B 88 12.67 -3.18 28.43
CA ALA B 88 13.15 -4.56 28.55
C ALA B 88 12.67 -5.26 29.82
N GLN B 89 12.44 -4.48 30.87
CA GLN B 89 11.97 -5.02 32.15
C GLN B 89 10.48 -5.32 32.18
N ARG B 90 9.69 -4.57 31.41
CA ARG B 90 8.22 -4.58 31.53
C ARG B 90 7.48 -5.30 30.42
N PHE B 91 8.08 -5.41 29.23
CA PHE B 91 7.41 -5.97 28.04
C PHE B 91 8.29 -7.01 27.38
N GLU B 92 7.69 -7.83 26.51
CA GLU B 92 8.43 -8.87 25.77
C GLU B 92 8.96 -8.39 24.40
N VAL B 93 8.57 -7.20 23.99
CA VAL B 93 8.88 -6.65 22.67
C VAL B 93 10.40 -6.59 22.45
N TRP B 94 10.83 -6.73 21.20
CA TRP B 94 12.24 -6.50 20.84
C TRP B 94 12.47 -4.98 20.82
N ILE B 95 13.71 -4.59 21.08
CA ILE B 95 14.11 -3.20 21.27
C ILE B 95 15.27 -2.98 20.34
N SER B 96 15.16 -2.02 19.43
CA SER B 96 16.31 -1.61 18.64
C SER B 96 16.78 -0.24 19.15
N VAL B 97 18.09 -0.03 19.03
CA VAL B 97 18.68 1.22 19.46
C VAL B 97 19.29 1.95 18.28
N ASP B 98 18.84 3.18 18.12
CA ASP B 98 19.21 4.01 17.00
C ASP B 98 20.39 4.86 17.47
N THR B 99 21.59 4.32 17.38
CA THR B 99 22.77 5.00 17.90
C THR B 99 24.00 4.72 17.06
N SER B 100 24.93 5.67 17.09
CA SER B 100 26.23 5.55 16.44
C SER B 100 27.41 5.43 17.43
N LYS B 101 27.12 5.53 18.73
CA LYS B 101 28.18 5.69 19.75
C LYS B 101 28.53 4.36 20.43
N PRO B 102 29.83 3.98 20.45
CA PRO B 102 30.23 2.70 21.08
C PRO B 102 29.72 2.51 22.51
N GLU B 103 29.69 3.56 23.30
CA GLU B 103 29.23 3.46 24.66
C GLU B 103 27.73 3.21 24.76
N VAL B 104 26.96 3.85 23.90
CA VAL B 104 25.51 3.64 23.88
C VAL B 104 25.23 2.21 23.44
N ILE B 105 25.97 1.73 22.44
CA ILE B 105 25.87 0.34 21.97
C ILE B 105 26.12 -0.63 23.13
N ARG B 106 27.30 -0.52 23.76
CA ARG B 106 27.63 -1.38 24.90
C ARG B 106 26.57 -1.34 25.99
N GLU B 107 26.26 -0.13 26.46
CA GLU B 107 25.34 0.03 27.58
C GLU B 107 23.91 -0.40 27.26
N SER B 108 23.47 -0.13 26.03
CA SER B 108 22.16 -0.61 25.56
C SER B 108 22.03 -2.14 25.58
N ALA B 109 23.06 -2.83 25.09
CA ALA B 109 23.08 -4.29 25.11
C ALA B 109 23.05 -4.85 26.54
N LYS B 110 23.76 -4.20 27.46
CA LYS B 110 23.73 -4.64 28.87
C LYS B 110 22.35 -4.54 29.52
N VAL B 111 21.54 -3.54 29.15
CA VAL B 111 20.20 -3.39 29.71
C VAL B 111 19.09 -4.04 28.86
N GLY B 112 19.45 -4.78 27.81
CA GLY B 112 18.50 -5.67 27.10
C GLY B 112 18.13 -5.38 25.64
N ALA B 113 18.80 -4.43 24.98
CA ALA B 113 18.51 -4.15 23.57
C ALA B 113 18.83 -5.33 22.66
N HIS B 114 18.04 -5.49 21.59
CA HIS B 114 18.15 -6.63 20.69
C HIS B 114 18.84 -6.33 19.36
N ILE B 115 18.72 -5.09 18.84
CA ILE B 115 19.26 -4.74 17.53
C ILE B 115 19.96 -3.39 17.60
N ILE B 116 21.14 -3.32 17.01
CA ILE B 116 21.86 -2.07 16.84
C ILE B 116 21.49 -1.53 15.46
N ASN B 117 20.83 -0.38 15.45
CA ASN B 117 20.33 0.21 14.25
C ASN B 117 21.00 1.55 14.05
N ASP B 118 22.17 1.52 13.44
CA ASP B 118 23.00 2.69 13.30
C ASP B 118 22.84 3.26 11.89
N ILE B 119 22.33 4.49 11.79
CA ILE B 119 22.30 5.19 10.50
C ILE B 119 23.70 5.33 9.87
N ARG B 120 24.75 5.33 10.69
CA ARG B 120 26.14 5.44 10.23
C ARG B 120 26.84 4.11 9.94
N SER B 121 26.12 2.99 10.07
CA SER B 121 26.64 1.65 9.79
C SER B 121 27.98 1.38 10.51
N LEU B 122 28.05 1.78 11.78
CA LEU B 122 29.19 1.53 12.66
C LEU B 122 30.48 2.20 12.16
N SER B 123 30.33 3.36 11.54
CA SER B 123 31.46 4.10 10.98
C SER B 123 32.25 4.85 12.05
N GLU B 124 31.65 5.15 13.19
CA GLU B 124 32.33 5.93 14.23
C GLU B 124 33.47 5.11 14.84
N PRO B 125 34.57 5.79 15.25
CA PRO B 125 35.68 5.07 15.91
C PRO B 125 35.20 4.18 17.06
N GLY B 126 35.54 2.89 17.03
CA GLY B 126 35.15 1.94 18.07
C GLY B 126 33.76 1.30 17.97
N ALA B 127 32.89 1.84 17.11
CA ALA B 127 31.52 1.34 16.98
C ALA B 127 31.48 -0.08 16.48
N LEU B 128 32.30 -0.36 15.46
CA LEU B 128 32.35 -1.69 14.87
C LEU B 128 32.76 -2.75 15.89
N GLU B 129 33.77 -2.43 16.71
CA GLU B 129 34.23 -3.34 17.77
C GLU B 129 33.22 -3.49 18.88
N ALA B 130 32.58 -2.40 19.26
CA ALA B 130 31.52 -2.43 20.28
C ALA B 130 30.35 -3.33 19.84
N ALA B 131 29.86 -3.11 18.63
CA ALA B 131 28.79 -3.96 18.09
C ALA B 131 29.16 -5.45 18.07
N ALA B 132 30.35 -5.75 17.56
CA ALA B 132 30.84 -7.14 17.49
C ALA B 132 30.91 -7.77 18.87
N GLU B 133 31.38 -6.99 19.84
CA GLU B 133 31.47 -7.45 21.23
C GLU B 133 30.11 -7.81 21.83
N THR B 134 29.04 -7.10 21.46
CA THR B 134 27.70 -7.40 22.01
C THR B 134 27.11 -8.70 21.45
N GLY B 135 27.57 -9.14 20.29
CA GLY B 135 26.95 -10.27 19.59
C GLY B 135 25.55 -10.03 19.02
N LEU B 136 25.06 -8.79 19.08
CA LEU B 136 23.69 -8.48 18.64
C LEU B 136 23.56 -8.32 17.13
N PRO B 137 22.35 -8.56 16.60
CA PRO B 137 22.04 -8.12 15.26
C PRO B 137 22.37 -6.64 15.01
N VAL B 138 22.85 -6.36 13.80
CA VAL B 138 23.28 -5.04 13.34
C VAL B 138 22.57 -4.70 12.04
N CYS B 139 21.91 -3.56 11.99
CA CYS B 139 21.36 -3.09 10.71
C CYS B 139 22.35 -2.13 10.05
N LEU B 140 22.71 -2.43 8.83
CA LEU B 140 23.55 -1.58 8.00
C LEU B 140 22.66 -0.72 7.10
N MET B 141 22.78 0.61 7.22
CA MET B 141 21.97 1.52 6.42
C MET B 141 22.83 2.33 5.48
N HIS B 142 22.34 2.54 4.27
CA HIS B 142 23.02 3.43 3.36
C HIS B 142 22.66 4.91 3.62
N MET B 143 23.69 5.73 3.76
CA MET B 143 23.57 7.19 3.79
C MET B 143 24.72 7.73 2.91
N GLN B 144 24.41 8.70 2.05
CA GLN B 144 25.44 9.47 1.36
C GLN B 144 25.82 10.64 2.23
N GLY B 145 27.08 10.73 2.61
CA GLY B 145 27.56 11.81 3.47
C GLY B 145 27.15 11.65 4.92
N ASN B 146 26.80 12.75 5.58
CA ASN B 146 26.32 12.69 6.96
C ASN B 146 25.10 13.59 7.14
N PRO B 147 24.42 13.53 8.29
CA PRO B 147 23.15 14.28 8.39
C PRO B 147 23.26 15.78 8.16
N LYS B 148 24.43 16.38 8.41
CA LYS B 148 24.58 17.84 8.20
C LYS B 148 24.63 18.24 6.73
N THR B 149 25.06 17.32 5.85
CA THR B 149 25.36 17.60 4.44
C THR B 149 24.49 16.81 3.47
N MET B 150 23.89 15.71 3.93
CA MET B 150 23.41 14.67 3.01
C MET B 150 22.36 15.16 2.02
N GLN B 151 21.49 16.09 2.47
CA GLN B 151 20.40 16.60 1.63
C GLN B 151 20.71 17.90 0.85
N GLU B 152 21.93 18.41 0.95
CA GLU B 152 22.29 19.61 0.17
C GLU B 152 22.20 19.36 -1.33
N ALA B 153 22.82 18.29 -1.80
CA ALA B 153 22.84 18.01 -3.24
C ALA B 153 23.14 16.52 -3.48
N PRO B 154 22.21 15.66 -3.08
CA PRO B 154 22.43 14.24 -3.34
C PRO B 154 22.61 13.95 -4.81
N LYS B 155 23.55 13.07 -5.12
CA LYS B 155 23.83 12.80 -6.51
C LYS B 155 24.32 11.36 -6.67
N TYR B 156 23.82 10.68 -7.68
CA TYR B 156 24.25 9.33 -8.02
C TYR B 156 24.24 9.19 -9.51
N ASP B 157 25.21 8.44 -10.04
CA ASP B 157 25.12 7.97 -11.43
C ASP B 157 24.02 6.92 -11.55
N ASP B 158 23.98 6.02 -10.58
CA ASP B 158 23.00 4.95 -10.55
C ASP B 158 22.79 4.62 -9.09
N VAL B 159 21.70 5.13 -8.50
CA VAL B 159 21.52 5.00 -7.05
C VAL B 159 21.39 3.56 -6.58
N PHE B 160 20.70 2.73 -7.35
CA PHE B 160 20.58 1.31 -6.98
C PHE B 160 21.97 0.64 -6.93
N ALA B 161 22.75 0.80 -7.99
CA ALA B 161 24.06 0.17 -8.08
C ALA B 161 24.98 0.68 -6.97
N GLU B 162 24.85 1.96 -6.63
CA GLU B 162 25.73 2.54 -5.62
C GLU B 162 25.36 2.07 -4.22
N VAL B 163 24.07 1.94 -3.93
CA VAL B 163 23.62 1.40 -2.64
C VAL B 163 23.98 -0.11 -2.55
N ASN B 164 23.77 -0.81 -3.63
CA ASN B 164 24.11 -2.25 -3.68
C ASN B 164 25.62 -2.45 -3.39
N ARG B 165 26.45 -1.65 -4.04
CA ARG B 165 27.92 -1.72 -3.83
C ARG B 165 28.28 -1.41 -2.37
N TYR B 166 27.63 -0.41 -1.79
CA TYR B 166 27.80 -0.09 -0.38
C TYR B 166 27.51 -1.27 0.50
N PHE B 167 26.41 -1.98 0.25
CA PHE B 167 26.04 -3.13 1.07
C PHE B 167 27.13 -4.23 0.94
N ILE B 168 27.62 -4.47 -0.28
CA ILE B 168 28.71 -5.47 -0.48
C ILE B 168 29.88 -5.09 0.43
N GLU B 169 30.30 -3.83 0.36
CA GLU B 169 31.45 -3.36 1.12
C GLU B 169 31.25 -3.43 2.63
N GLN B 170 30.09 -3.01 3.12
CA GLN B 170 29.84 -3.00 4.55
C GLN B 170 29.62 -4.37 5.13
N ILE B 171 29.03 -5.29 4.38
CA ILE B 171 28.89 -6.67 4.85
C ILE B 171 30.27 -7.29 5.08
N ALA B 172 31.16 -7.10 4.11
CA ALA B 172 32.55 -7.57 4.20
C ALA B 172 33.26 -6.95 5.43
N ARG B 173 33.08 -5.65 5.64
CA ARG B 173 33.66 -4.95 6.78
C ARG B 173 33.21 -5.56 8.09
N CYS B 174 31.91 -5.85 8.19
CA CYS B 174 31.36 -6.48 9.40
C CYS B 174 31.87 -7.91 9.63
N GLU B 175 31.88 -8.70 8.56
CA GLU B 175 32.37 -10.09 8.64
C GLU B 175 33.82 -10.13 9.11
N GLN B 176 34.63 -9.22 8.58
CA GLN B 176 36.06 -9.14 8.89
C GLN B 176 36.34 -8.68 10.31
N ALA B 177 35.39 -7.95 10.91
CA ALA B 177 35.43 -7.63 12.34
C ALA B 177 34.85 -8.75 13.22
N GLY B 178 34.43 -9.86 12.63
CA GLY B 178 33.90 -10.99 13.38
C GLY B 178 32.40 -11.01 13.59
N ILE B 179 31.66 -10.10 12.94
CA ILE B 179 30.19 -10.11 13.02
C ILE B 179 29.70 -10.98 11.86
N ALA B 180 29.06 -12.09 12.20
CA ALA B 180 28.61 -13.07 11.21
C ALA B 180 27.51 -12.52 10.32
N LYS B 181 27.55 -12.92 9.05
CA LYS B 181 26.55 -12.53 8.05
C LYS B 181 25.12 -12.64 8.58
N GLU B 182 24.87 -13.70 9.35
CA GLU B 182 23.55 -14.05 9.88
C GLU B 182 22.97 -13.05 10.89
N LYS B 183 23.83 -12.20 11.44
CA LYS B 183 23.42 -11.10 12.33
C LYS B 183 23.04 -9.80 11.61
N LEU B 184 23.25 -9.73 10.31
CA LEU B 184 23.10 -8.46 9.59
C LEU B 184 21.71 -8.23 9.01
N LEU B 185 21.32 -6.95 8.95
CA LEU B 185 20.14 -6.49 8.22
C LEU B 185 20.58 -5.38 7.30
N LEU B 186 19.85 -5.17 6.21
CA LEU B 186 20.14 -4.09 5.26
C LEU B 186 18.96 -3.13 5.14
N ASP B 187 19.30 -1.86 5.00
CA ASP B 187 18.31 -0.78 4.90
C ASP B 187 18.84 0.21 3.90
N PRO B 188 18.11 0.45 2.79
CA PRO B 188 18.61 1.39 1.79
C PRO B 188 18.60 2.86 2.22
N GLY B 189 18.03 3.16 3.38
CA GLY B 189 18.14 4.48 3.98
C GLY B 189 17.36 5.54 3.22
N PHE B 190 16.04 5.35 3.15
CA PHE B 190 15.20 6.33 2.48
C PHE B 190 15.37 7.70 3.17
N GLY B 191 15.61 8.71 2.36
CA GLY B 191 15.77 10.10 2.84
C GLY B 191 17.17 10.45 3.31
N PHE B 192 18.12 9.51 3.31
CA PHE B 192 19.47 9.77 3.79
C PHE B 192 20.44 9.98 2.65
N GLY B 193 20.44 11.21 2.14
CA GLY B 193 21.21 11.59 0.97
C GLY B 193 20.58 11.14 -0.33
N LYS B 194 19.29 11.39 -0.48
CA LYS B 194 18.53 11.04 -1.69
C LYS B 194 17.52 12.12 -2.00
N ASN B 195 17.39 12.48 -3.27
CA ASN B 195 16.28 13.28 -3.73
C ASN B 195 15.05 12.39 -3.98
N LEU B 196 13.96 13.02 -4.39
CA LEU B 196 12.69 12.32 -4.55
C LEU B 196 12.83 11.17 -5.55
N SER B 197 13.48 11.42 -6.67
CA SER B 197 13.62 10.38 -7.69
C SER B 197 14.51 9.21 -7.20
N HIS B 198 15.55 9.51 -6.42
CA HIS B 198 16.46 8.46 -5.89
C HIS B 198 15.69 7.54 -4.94
N ASN B 199 14.87 8.16 -4.09
CA ASN B 199 14.06 7.39 -3.17
C ASN B 199 13.11 6.42 -3.87
N TYR B 200 12.38 6.90 -4.88
CA TYR B 200 11.45 6.04 -5.58
C TYR B 200 12.17 4.98 -6.44
N SER B 201 13.36 5.29 -6.97
CA SER B 201 14.17 4.23 -7.63
C SER B 201 14.50 3.09 -6.70
N LEU B 202 14.91 3.42 -5.48
CA LEU B 202 15.20 2.40 -4.49
C LEU B 202 13.97 1.61 -4.05
N LEU B 203 12.82 2.29 -3.90
CA LEU B 203 11.61 1.59 -3.55
C LEU B 203 11.13 0.66 -4.69
N ALA B 204 11.17 1.14 -5.93
CA ALA B 204 10.77 0.37 -7.09
C ALA B 204 11.59 -0.94 -7.26
N ARG B 205 12.88 -0.87 -6.88
CA ARG B 205 13.83 -1.98 -7.07
C ARG B 205 14.20 -2.67 -5.77
N LEU B 206 13.40 -2.47 -4.72
CA LEU B 206 13.72 -2.98 -3.39
C LEU B 206 13.91 -4.51 -3.37
N ALA B 207 13.04 -5.24 -4.07
CA ALA B 207 13.14 -6.70 -4.07
C ALA B 207 14.50 -7.18 -4.58
N GLU B 208 15.18 -6.39 -5.43
CA GLU B 208 16.48 -6.81 -5.97
C GLU B 208 17.56 -6.91 -4.89
N PHE B 209 17.38 -6.23 -3.75
CA PHE B 209 18.31 -6.39 -2.63
C PHE B 209 18.18 -7.74 -1.89
N HIS B 210 17.20 -8.58 -2.23
CA HIS B 210 17.12 -9.90 -1.62
C HIS B 210 18.27 -10.84 -2.05
N HIS B 211 19.07 -10.49 -3.04
CA HIS B 211 20.19 -11.38 -3.45
C HIS B 211 21.20 -11.61 -2.33
N PHE B 212 21.31 -10.69 -1.37
CA PHE B 212 22.21 -10.89 -0.23
C PHE B 212 21.69 -11.97 0.74
N ASN B 213 20.42 -12.35 0.61
CA ASN B 213 19.79 -13.28 1.52
C ASN B 213 19.82 -12.79 2.97
N LEU B 214 19.59 -11.48 3.17
CA LEU B 214 19.56 -10.87 4.48
C LEU B 214 18.22 -10.13 4.69
N PRO B 215 17.79 -9.98 5.94
CA PRO B 215 16.58 -9.20 6.18
C PRO B 215 16.73 -7.76 5.68
N LEU B 216 15.63 -7.22 5.15
CA LEU B 216 15.53 -5.86 4.67
C LEU B 216 14.65 -5.12 5.66
N LEU B 217 15.18 -3.99 6.13
CA LEU B 217 14.48 -3.08 7.02
C LEU B 217 14.29 -1.78 6.23
N VAL B 218 13.09 -1.20 6.29
CA VAL B 218 12.84 0.04 5.56
C VAL B 218 12.14 0.99 6.50
N GLY B 219 12.37 2.29 6.29
CA GLY B 219 11.70 3.35 7.03
C GLY B 219 11.33 4.49 6.11
N MET B 220 10.05 4.60 5.77
CA MET B 220 9.53 5.69 4.95
C MET B 220 8.46 6.57 5.63
N SER B 221 8.06 6.18 6.84
CA SER B 221 6.92 6.77 7.51
C SER B 221 7.03 8.29 7.63
N ARG B 222 6.04 9.01 7.09
N ARG B 222 6.05 8.99 7.05
CA ARG B 222 5.96 10.49 7.18
CA ARG B 222 5.93 10.44 7.08
C ARG B 222 7.11 11.25 6.49
C ARG B 222 7.18 11.19 6.59
N LYS B 223 7.92 10.58 5.67
CA LYS B 223 9.16 11.18 5.16
C LYS B 223 8.93 12.12 3.97
N SER B 224 9.96 12.89 3.65
CA SER B 224 9.91 13.83 2.54
C SER B 224 9.54 13.18 1.22
N MET B 225 9.91 11.90 1.00
CA MET B 225 9.51 11.25 -0.26
C MET B 225 8.01 11.17 -0.44
N ILE B 226 7.25 11.22 0.66
CA ILE B 226 5.81 11.37 0.59
C ILE B 226 5.40 12.87 0.56
N GLY B 227 5.92 13.66 1.48
CA GLY B 227 5.61 15.12 1.58
C GLY B 227 5.85 15.91 0.31
N GLN B 228 6.97 15.62 -0.35
CA GLN B 228 7.31 16.33 -1.58
C GLN B 228 6.49 15.85 -2.76
N LEU B 229 6.04 14.60 -2.71
CA LEU B 229 5.20 14.09 -3.76
C LEU B 229 3.81 14.70 -3.68
N LEU B 230 3.26 14.77 -2.46
CA LEU B 230 1.89 15.24 -2.21
C LEU B 230 1.83 16.73 -1.85
N ASN B 231 2.97 17.36 -1.58
CA ASN B 231 3.06 18.80 -1.21
C ASN B 231 2.30 19.12 0.07
N VAL B 232 2.47 18.25 1.08
CA VAL B 232 1.86 18.43 2.40
C VAL B 232 2.85 18.23 3.51
N GLY B 233 2.50 18.75 4.67
CA GLY B 233 3.30 18.60 5.89
C GLY B 233 3.24 17.22 6.49
N PRO B 234 4.06 16.97 7.53
CA PRO B 234 4.18 15.65 8.16
C PRO B 234 2.87 15.06 8.66
N SER B 235 1.95 15.91 9.11
CA SER B 235 0.69 15.45 9.69
C SER B 235 -0.28 14.82 8.68
N GLU B 236 -0.11 15.12 7.39
CA GLU B 236 -1.04 14.71 6.36
C GLU B 236 -0.49 13.55 5.50
N ARG B 237 0.49 12.81 6.04
CA ARG B 237 1.24 11.80 5.26
C ARG B 237 0.88 10.35 5.53
N LEU B 238 -0.15 10.08 6.32
CA LEU B 238 -0.42 8.70 6.68
C LEU B 238 -0.77 7.80 5.48
N SER B 239 -1.67 8.26 4.59
CA SER B 239 -2.06 7.42 3.45
C SER B 239 -0.87 7.06 2.56
N GLY B 240 -0.05 8.07 2.25
CA GLY B 240 1.21 7.86 1.53
C GLY B 240 2.18 6.93 2.26
N SER B 241 2.25 7.04 3.59
CA SER B 241 3.11 6.19 4.43
C SER B 241 2.67 4.72 4.36
N LEU B 242 1.37 4.49 4.40
CA LEU B 242 0.83 3.14 4.29
C LEU B 242 1.09 2.59 2.90
N ALA B 243 0.94 3.41 1.87
CA ALA B 243 1.24 2.99 0.52
C ALA B 243 2.70 2.55 0.40
N CYS B 244 3.61 3.38 0.91
CA CYS B 244 5.03 2.99 0.95
C CYS B 244 5.29 1.67 1.67
N ALA B 245 4.66 1.51 2.84
CA ALA B 245 4.81 0.30 3.66
C ALA B 245 4.35 -0.93 2.91
N VAL B 246 3.20 -0.83 2.26
CA VAL B 246 2.62 -1.95 1.51
C VAL B 246 3.49 -2.30 0.31
N ILE B 247 3.97 -1.28 -0.41
CA ILE B 247 4.85 -1.48 -1.57
C ILE B 247 6.12 -2.23 -1.15
N ALA B 248 6.71 -1.81 -0.03
CA ALA B 248 7.90 -2.47 0.49
C ALA B 248 7.60 -3.89 0.93
N ALA B 249 6.52 -4.07 1.71
CA ALA B 249 6.19 -5.39 2.26
C ALA B 249 5.76 -6.39 1.18
N MET B 250 5.11 -5.92 0.12
CA MET B 250 4.78 -6.79 -1.02
C MET B 250 6.02 -7.32 -1.75
N GLN B 251 7.11 -6.57 -1.64
CA GLN B 251 8.42 -6.97 -2.22
C GLN B 251 9.27 -7.77 -1.24
N GLY B 252 8.68 -8.18 -0.11
CA GLY B 252 9.32 -9.04 0.84
C GLY B 252 10.15 -8.36 1.91
N ALA B 253 9.99 -7.04 2.11
CA ALA B 253 10.67 -6.36 3.21
C ALA B 253 10.22 -6.98 4.52
N HIS B 254 11.16 -7.11 5.46
CA HIS B 254 10.94 -7.88 6.69
C HIS B 254 10.57 -7.03 7.88
N ILE B 255 11.08 -5.80 7.94
CA ILE B 255 10.78 -4.90 9.07
C ILE B 255 10.44 -3.54 8.49
N ILE B 256 9.30 -2.99 8.94
CA ILE B 256 8.80 -1.71 8.47
C ILE B 256 8.76 -0.76 9.65
N ARG B 257 9.52 0.34 9.57
CA ARG B 257 9.72 1.24 10.70
C ARG B 257 8.76 2.40 10.55
N VAL B 258 7.88 2.59 11.52
CA VAL B 258 6.79 3.55 11.36
C VAL B 258 6.44 4.31 12.65
N HIS B 259 5.75 5.44 12.46
CA HIS B 259 5.15 6.24 13.53
C HIS B 259 3.77 5.72 13.90
N ASP B 260 3.00 5.30 12.89
CA ASP B 260 1.58 4.95 13.04
C ASP B 260 1.41 3.43 13.02
N VAL B 261 1.51 2.81 14.20
CA VAL B 261 1.65 1.37 14.28
C VAL B 261 0.35 0.63 13.95
N LYS B 262 -0.75 1.04 14.56
CA LYS B 262 -2.03 0.33 14.37
C LYS B 262 -2.39 0.22 12.90
N GLU B 263 -2.34 1.34 12.21
CA GLU B 263 -2.69 1.39 10.77
C GLU B 263 -1.74 0.53 9.94
N THR B 264 -0.45 0.58 10.26
CA THR B 264 0.54 -0.20 9.52
C THR B 264 0.37 -1.70 9.71
N VAL B 265 0.11 -2.12 10.95
CA VAL B 265 -0.14 -3.53 11.26
C VAL B 265 -1.35 -4.04 10.46
N GLU B 266 -2.41 -3.28 10.43
CA GLU B 266 -3.60 -3.67 9.66
C GLU B 266 -3.24 -3.83 8.18
N ALA B 267 -2.50 -2.87 7.63
CA ALA B 267 -2.03 -2.97 6.26
C ALA B 267 -1.16 -4.21 6.04
N MET B 268 -0.28 -4.52 6.99
CA MET B 268 0.57 -5.71 6.89
C MET B 268 -0.22 -7.03 6.96
N ARG B 269 -1.32 -7.07 7.70
CA ARG B 269 -2.19 -8.26 7.73
C ARG B 269 -2.76 -8.53 6.34
N VAL B 270 -3.09 -7.46 5.60
CA VAL B 270 -3.62 -7.60 4.23
C VAL B 270 -2.50 -8.10 3.33
N VAL B 271 -1.29 -7.54 3.48
CA VAL B 271 -0.15 -8.01 2.70
C VAL B 271 0.10 -9.51 2.96
N GLU B 272 0.11 -9.89 4.23
CA GLU B 272 0.34 -11.30 4.64
C GLU B 272 -0.68 -12.24 4.05
N ALA B 273 -1.94 -11.86 4.09
CA ALA B 273 -3.01 -12.66 3.50
C ALA B 273 -2.82 -12.83 2.00
N THR B 274 -2.35 -11.77 1.33
CA THR B 274 -2.09 -11.80 -0.11
C THR B 274 -0.88 -12.65 -0.45
N LEU B 275 0.25 -12.42 0.22
CA LEU B 275 1.47 -13.20 0.00
C LEU B 275 1.25 -14.70 0.32
N SER B 276 0.41 -15.00 1.30
CA SER B 276 0.11 -16.40 1.66
C SER B 276 -0.64 -17.09 0.55
N ALA B 277 -1.47 -16.36 -0.16
CA ALA B 277 -2.20 -16.91 -1.30
C ALA B 277 -1.33 -17.07 -2.55
N LYS B 278 -0.22 -16.34 -2.61
CA LYS B 278 0.66 -16.36 -3.76
C LYS B 278 1.59 -17.58 -3.72
N GLU B 279 1.92 -18.10 -4.91
CA GLU B 279 2.86 -19.21 -5.04
C GLU B 279 4.28 -18.75 -4.76
N ASN B 280 4.67 -17.63 -5.37
CA ASN B 280 6.01 -17.06 -5.20
C ASN B 280 6.32 -16.43 -3.85
N LYS B 281 5.29 -15.99 -3.15
CA LYS B 281 5.43 -15.32 -1.82
C LYS B 281 6.12 -13.91 -1.77
N ARG B 282 6.45 -13.27 -2.90
N ARG B 282 6.22 -13.31 -2.96
CA ARG B 282 6.69 -11.83 -3.00
CA ARG B 282 6.83 -12.00 -3.20
C ARG B 282 6.47 -11.32 -4.42
C ARG B 282 6.28 -11.32 -4.47
N TYR B 283 6.42 -10.00 -4.59
CA TYR B 283 6.24 -9.33 -5.90
C TYR B 283 7.56 -8.70 -6.39
N GLU B 284 7.70 -8.64 -7.71
CA GLU B 284 8.91 -8.11 -8.39
C GLU B 284 8.55 -7.46 -9.72
C11 5RU C . -20.69 -3.81 0.09
C12 5RU C . -20.42 -5.11 0.47
C10 5RU C . -21.05 -3.53 -1.21
C13 5RU C . -20.52 -6.14 -0.46
C9 5RU C . -21.13 -4.55 -2.13
C3 5RU C . -18.48 -3.73 -6.82
C14 5RU C . -20.88 -5.86 -1.75
C4 5RU C . -19.38 -3.08 -7.64
C2 5RU C . -17.33 -4.24 -7.37
C18 5RU C . -18.02 -3.43 -9.44
C6 5RU C . -20.24 -3.03 -5.70
C8 5RU C . -21.54 -4.32 -3.54
N17 5RU C . -19.16 -2.92 -8.97
N5 5RU C . -20.46 -2.63 -6.94
N20 5RU C . -17.10 -4.08 -8.69
N16 5RU C . -19.05 -3.70 -5.57
N19 5RU C . -17.75 -3.31 -10.84
O1 5RU C . -16.37 -4.92 -6.65
F15 5RU C . -20.96 -6.89 -2.64
S7 5RU C . -21.26 -2.73 -4.31
C11 5RU D . 15.42 11.46 6.75
C12 5RU D . 14.10 11.79 6.57
C10 5RU D . 15.82 11.08 8.00
C13 5RU D . 13.19 11.72 7.60
C9 5RU D . 14.92 10.98 9.07
C3 5RU D . 15.45 5.67 9.51
C14 5RU D . 13.59 11.32 8.85
C4 5RU D . 16.07 5.41 10.71
C2 5RU D . 15.43 4.70 8.52
C18 5RU D . 16.57 3.31 9.98
C6 5RU D . 15.34 7.45 10.83
C8 5RU D . 15.52 10.54 10.38
N17 5RU D . 16.64 4.22 10.98
N5 5RU D . 15.98 6.52 11.53
N20 5RU D . 15.99 3.51 8.78
N16 5RU D . 14.99 6.96 9.62
N19 5RU D . 17.17 2.03 10.16
O1 5RU D . 14.87 4.84 7.28
F15 5RU D . 12.60 11.29 9.77
S7 5RU D . 14.88 9.08 11.31
#